data_3Q8L
#
_entry.id   3Q8L
#
_cell.length_a   105.140
_cell.length_b   105.140
_cell.length_c   104.050
_cell.angle_alpha   90.00
_cell.angle_beta   90.00
_cell.angle_gamma   120.00
#
_symmetry.space_group_name_H-M   'P 31 2 1'
#
loop_
_entity.id
_entity.type
_entity.pdbx_description
1 polymer 'Flap endonuclease 1'
2 polymer "DNA (5'-D(*AP*CP*TP*CP*TP*GP*CP*CP*TP*CP*AP*AP*GP*AP*CP*GP*GP*T)-3')"
3 polymer "DNA (5'-D(*TP*TP*GP*AP*GP*GP*CP*AP*GP*AP*GP*T)-3')"
4 polymer "DNA (5'-D(*AP*CP*CP*GP*TP*CP*C)-3')"
5 non-polymer 'SAMARIUM (III) ION'
6 non-polymer 'POTASSIUM ION'
7 non-polymer 'SULFATE ION'
8 water water
#
loop_
_entity_poly.entity_id
_entity_poly.type
_entity_poly.pdbx_seq_one_letter_code
_entity_poly.pdbx_strand_id
1 'polypeptide(L)'
;GIQGLAKLIADVAPSAIRENDIKSYFGRKVAIDASMSIYQFLIAVRQGGDVLQNEEGETTSHLMGMFYRTIRMMENGIKP
VYVFDGKPPQLKSGELAKRSERRAEAEKQLQQAQAAGAEQEVEKFTKRLVKVTKQHNDECKHLLSLMGIPYLDAPSEAEA
SCAALVKAGKVYAAATEDMDCLTFGSPVLMRHLTASEAKKLPIQEFHLSRILQELGLNQEQFVDLCILLGSDYCESIRGI
GPKRAVDLIQKHKSIEEIVRRLDPNKYPVPENWLHKEAHQLFLEPEVLDPESVELKWSEPNEEELIKFMCGEKQFSEERI
RSGVKRLSKSRQGSTLEVLFQ
;
A
2 'polydeoxyribonucleotide' (DA)(DC)(DT)(DC)(DT)(DG)(DC)(DC)(DT)(DC)(DA)(DA)(DG)(DA)(DC)(DG)(DG)(DT) D
3 'polydeoxyribonucleotide' (DT)(DT)(DG)(DA)(DG)(DG)(DC)(DA)(DG)(DA)(DG)(DT) E
4 'polydeoxyribonucleotide' (DA)(DC)(DC)(DG)(DT)(DC)(DC) F
#
loop_
_chem_comp.id
_chem_comp.type
_chem_comp.name
_chem_comp.formula
DA DNA linking 2'-DEOXYADENOSINE-5'-MONOPHOSPHATE 'C10 H14 N5 O6 P'
DC DNA linking 2'-DEOXYCYTIDINE-5'-MONOPHOSPHATE 'C9 H14 N3 O7 P'
DG DNA linking 2'-DEOXYGUANOSINE-5'-MONOPHOSPHATE 'C10 H14 N5 O7 P'
DT DNA linking THYMIDINE-5'-MONOPHOSPHATE 'C10 H15 N2 O8 P'
K non-polymer 'POTASSIUM ION' 'K 1'
SM non-polymer 'SAMARIUM (III) ION' 'Sm 3'
SO4 non-polymer 'SULFATE ION' 'O4 S -2'
#
# COMPACT_ATOMS: atom_id res chain seq x y z
N GLY A 1 0.75 8.51 5.73
CA GLY A 1 2.11 8.46 5.20
C GLY A 1 3.01 9.46 5.89
N ILE A 2 3.84 10.14 5.10
CA ILE A 2 4.72 11.19 5.59
C ILE A 2 4.39 12.43 4.77
N GLN A 3 3.90 13.48 5.42
CA GLN A 3 3.40 14.64 4.69
C GLN A 3 4.49 15.33 3.88
N GLY A 4 4.25 15.46 2.58
CA GLY A 4 5.19 16.14 1.71
C GLY A 4 6.39 15.32 1.25
N LEU A 5 6.46 14.06 1.64
CA LEU A 5 7.67 13.28 1.35
C LEU A 5 7.92 13.06 -0.15
N ALA A 6 6.90 12.61 -0.87
CA ALA A 6 7.06 12.36 -2.29
C ALA A 6 7.53 13.61 -3.02
N LYS A 7 6.94 14.74 -2.68
CA LYS A 7 7.26 15.99 -3.35
C LYS A 7 8.68 16.42 -3.01
N LEU A 8 8.99 16.39 -1.72
CA LEU A 8 10.32 16.69 -1.26
C LEU A 8 11.37 15.89 -2.02
N ILE A 9 11.06 14.62 -2.30
CA ILE A 9 12.01 13.76 -3.00
C ILE A 9 12.17 14.22 -4.44
N ALA A 10 11.06 14.56 -5.07
CA ALA A 10 11.09 15.05 -6.45
C ALA A 10 11.91 16.35 -6.54
N ASP A 11 11.71 17.24 -5.58
N ASP A 11 11.70 17.27 -5.61
CA ASP A 11 12.35 18.56 -5.56
CA ASP A 11 12.42 18.53 -5.63
C ASP A 11 13.85 18.54 -5.23
C ASP A 11 13.91 18.35 -5.36
N VAL A 12 14.23 17.80 -4.19
CA VAL A 12 15.61 17.80 -3.73
C VAL A 12 16.34 16.45 -3.75
N ALA A 13 15.69 15.43 -4.31
CA ALA A 13 16.32 14.12 -4.45
C ALA A 13 15.92 13.46 -5.78
N PRO A 14 15.91 14.25 -6.85
CA PRO A 14 15.31 13.87 -8.14
C PRO A 14 15.83 12.55 -8.67
N SER A 15 17.07 12.21 -8.32
CA SER A 15 17.75 11.04 -8.90
C SER A 15 17.36 9.73 -8.23
N ALA A 16 16.64 9.80 -7.12
CA ALA A 16 16.20 8.59 -6.45
C ALA A 16 15.04 7.96 -7.22
N ILE A 17 14.51 8.72 -8.17
CA ILE A 17 13.34 8.32 -8.94
C ILE A 17 13.71 7.87 -10.35
N ARG A 18 13.51 6.59 -10.61
CA ARG A 18 13.89 5.98 -11.87
C ARG A 18 12.63 5.41 -12.52
N GLU A 19 12.47 5.64 -13.82
CA GLU A 19 11.36 5.06 -14.56
C GLU A 19 11.84 3.98 -15.51
N ASN A 20 11.10 2.88 -15.59
CA ASN A 20 11.40 1.85 -16.57
C ASN A 20 10.14 1.35 -17.27
N ASP A 21 10.33 0.71 -18.42
CA ASP A 21 9.21 0.16 -19.17
C ASP A 21 8.73 -1.16 -18.58
N ILE A 22 7.43 -1.42 -18.68
CA ILE A 22 6.84 -2.63 -18.12
C ILE A 22 7.53 -3.88 -18.64
N LYS A 23 8.12 -3.80 -19.84
CA LYS A 23 8.76 -4.98 -20.42
C LYS A 23 10.02 -5.39 -19.69
N SER A 24 10.58 -4.48 -18.89
CA SER A 24 11.85 -4.78 -18.23
C SER A 24 11.64 -5.55 -16.95
N TYR A 25 10.38 -5.77 -16.58
CA TYR A 25 10.10 -6.41 -15.30
C TYR A 25 9.81 -7.89 -15.38
N PHE A 26 9.83 -8.45 -16.59
CA PHE A 26 9.58 -9.87 -16.72
C PHE A 26 10.43 -10.64 -15.71
N GLY A 27 9.78 -11.47 -14.89
CA GLY A 27 10.45 -12.31 -13.91
C GLY A 27 10.61 -11.75 -12.50
N ARG A 28 10.34 -10.46 -12.33
CA ARG A 28 10.55 -9.81 -11.04
C ARG A 28 9.44 -10.13 -10.02
N LYS A 29 9.81 -10.22 -8.74
CA LYS A 29 8.84 -10.39 -7.67
C LYS A 29 8.63 -9.06 -6.95
N VAL A 30 7.40 -8.79 -6.52
CA VAL A 30 7.10 -7.56 -5.79
C VAL A 30 6.13 -7.84 -4.64
N ALA A 31 6.24 -7.05 -3.57
CA ALA A 31 5.32 -7.16 -2.42
C ALA A 31 4.32 -6.04 -2.52
N ILE A 32 3.05 -6.37 -2.41
CA ILE A 32 1.99 -5.38 -2.56
C ILE A 32 1.22 -5.23 -1.27
N ASP A 33 0.98 -3.98 -0.86
CA ASP A 33 0.15 -3.66 0.30
C ASP A 33 -1.30 -3.90 -0.09
N ALA A 34 -1.84 -5.05 0.30
CA ALA A 34 -3.15 -5.48 -0.14
C ALA A 34 -4.28 -4.53 0.27
N SER A 35 -4.31 -4.16 1.55
CA SER A 35 -5.33 -3.24 2.06
C SER A 35 -5.42 -1.98 1.21
N MET A 36 -4.28 -1.40 0.87
CA MET A 36 -4.33 -0.18 0.08
C MET A 36 -4.88 -0.40 -1.31
N SER A 37 -4.58 -1.54 -1.91
CA SER A 37 -5.10 -1.79 -3.25
C SER A 37 -6.60 -2.11 -3.21
N ILE A 38 -7.04 -2.85 -2.20
CA ILE A 38 -8.46 -3.09 -1.99
C ILE A 38 -9.17 -1.75 -1.88
N TYR A 39 -8.60 -0.86 -1.07
CA TYR A 39 -9.19 0.45 -0.84
C TYR A 39 -9.37 1.18 -2.15
N GLN A 40 -8.36 1.11 -3.00
CA GLN A 40 -8.39 1.82 -4.27
C GLN A 40 -9.52 1.29 -5.17
N PHE A 41 -9.82 0.00 -5.07
CA PHE A 41 -10.90 -0.58 -5.87
C PHE A 41 -12.27 -0.18 -5.30
N LEU A 42 -12.44 -0.28 -3.98
CA LEU A 42 -13.69 0.13 -3.35
C LEU A 42 -14.03 1.55 -3.78
N ILE A 43 -13.09 2.46 -3.54
CA ILE A 43 -13.23 3.86 -3.90
C ILE A 43 -13.50 4.11 -5.38
N ALA A 44 -12.77 3.42 -6.25
CA ALA A 44 -12.78 3.76 -7.68
C ALA A 44 -13.88 3.08 -8.47
N VAL A 45 -14.15 1.83 -8.13
CA VAL A 45 -14.89 0.93 -9.01
C VAL A 45 -16.38 1.01 -8.75
N ARG A 46 -16.98 2.14 -9.11
CA ARG A 46 -18.40 2.36 -8.93
C ARG A 46 -19.12 2.46 -10.27
N GLN A 47 -20.37 2.00 -10.30
CA GLN A 47 -21.25 2.23 -11.44
C GLN A 47 -22.51 2.94 -10.96
N GLY A 48 -22.61 4.23 -11.29
CA GLY A 48 -23.70 5.04 -10.80
C GLY A 48 -23.53 5.30 -9.31
N GLY A 49 -22.31 5.57 -8.90
CA GLY A 49 -21.99 5.85 -7.51
C GLY A 49 -22.10 4.66 -6.58
N ASP A 50 -22.58 3.53 -7.09
CA ASP A 50 -22.73 2.30 -6.30
C ASP A 50 -21.67 1.26 -6.68
N VAL A 51 -21.09 0.58 -5.69
CA VAL A 51 -20.15 -0.50 -5.97
C VAL A 51 -20.75 -1.58 -6.86
N LEU A 52 -19.89 -2.38 -7.48
CA LEU A 52 -20.35 -3.58 -8.16
C LEU A 52 -20.75 -4.55 -7.06
N GLN A 53 -21.76 -5.38 -7.33
CA GLN A 53 -22.22 -6.30 -6.34
C GLN A 53 -22.97 -7.43 -7.01
N ASN A 54 -23.11 -8.57 -6.35
CA ASN A 54 -23.96 -9.63 -6.87
C ASN A 54 -25.40 -9.38 -6.45
N GLU A 55 -26.30 -10.28 -6.80
CA GLU A 55 -27.71 -10.03 -6.54
C GLU A 55 -28.06 -10.08 -5.06
N GLU A 56 -27.31 -10.86 -4.29
CA GLU A 56 -27.62 -10.94 -2.87
C GLU A 56 -27.01 -9.76 -2.06
N GLY A 57 -26.64 -8.68 -2.76
CA GLY A 57 -26.20 -7.47 -2.10
C GLY A 57 -24.73 -7.40 -1.66
N GLU A 58 -23.95 -8.42 -1.99
CA GLU A 58 -22.56 -8.50 -1.54
C GLU A 58 -21.64 -7.76 -2.52
N THR A 59 -20.80 -6.87 -2.00
CA THR A 59 -19.89 -6.05 -2.83
C THR A 59 -18.85 -6.91 -3.54
N THR A 60 -18.55 -6.59 -4.81
CA THR A 60 -17.56 -7.36 -5.58
C THR A 60 -16.48 -6.52 -6.27
N SER A 61 -16.47 -5.22 -6.03
CA SER A 61 -15.45 -4.36 -6.62
C SER A 61 -14.02 -4.82 -6.29
N HIS A 62 -13.77 -5.19 -5.05
CA HIS A 62 -12.43 -5.55 -4.66
C HIS A 62 -12.03 -6.84 -5.38
N LEU A 63 -12.99 -7.74 -5.59
CA LEU A 63 -12.69 -9.00 -6.27
C LEU A 63 -12.40 -8.73 -7.75
N MET A 64 -13.17 -7.82 -8.33
N MET A 64 -13.20 -7.84 -8.30
CA MET A 64 -12.94 -7.45 -9.71
CA MET A 64 -13.01 -7.34 -9.65
C MET A 64 -11.53 -6.88 -9.90
C MET A 64 -11.57 -6.90 -9.86
N GLY A 65 -11.15 -5.92 -9.06
CA GLY A 65 -9.86 -5.31 -9.20
C GLY A 65 -8.74 -6.33 -9.00
N MET A 66 -8.85 -7.13 -7.94
N MET A 66 -8.84 -7.07 -7.91
CA MET A 66 -7.74 -8.01 -7.56
CA MET A 66 -7.79 -8.01 -7.54
C MET A 66 -7.62 -9.27 -8.41
C MET A 66 -7.59 -9.05 -8.64
N PHE A 67 -8.69 -9.63 -9.10
CA PHE A 67 -8.63 -10.68 -10.10
C PHE A 67 -7.91 -10.19 -11.35
N TYR A 68 -8.40 -9.10 -11.92
CA TYR A 68 -7.94 -8.68 -13.24
C TYR A 68 -6.57 -8.00 -13.21
N ARG A 69 -6.34 -7.14 -12.23
CA ARG A 69 -5.04 -6.51 -12.12
C ARG A 69 -3.93 -7.52 -11.89
N THR A 70 -4.19 -8.50 -11.02
CA THR A 70 -3.21 -9.50 -10.67
C THR A 70 -2.83 -10.31 -11.91
N ILE A 71 -3.84 -10.67 -12.70
CA ILE A 71 -3.59 -11.35 -13.96
C ILE A 71 -2.79 -10.49 -14.96
N ARG A 72 -3.05 -9.20 -15.01
N ARG A 72 -3.06 -9.19 -15.01
CA ARG A 72 -2.30 -8.34 -15.93
CA ARG A 72 -2.31 -8.31 -15.91
C ARG A 72 -0.85 -8.20 -15.49
C ARG A 72 -0.85 -8.25 -15.49
N MET A 73 -0.60 -8.27 -14.19
CA MET A 73 0.76 -8.21 -13.68
C MET A 73 1.45 -9.48 -14.15
N MET A 74 0.80 -10.62 -13.91
CA MET A 74 1.37 -11.91 -14.29
C MET A 74 1.62 -12.03 -15.79
N GLU A 75 0.76 -11.41 -16.59
CA GLU A 75 0.92 -11.47 -18.04
C GLU A 75 2.21 -10.80 -18.46
N ASN A 76 2.68 -9.89 -17.62
CA ASN A 76 3.91 -9.17 -17.86
C ASN A 76 5.08 -9.80 -17.11
N GLY A 77 4.84 -10.98 -16.56
CA GLY A 77 5.86 -11.72 -15.82
C GLY A 77 6.16 -11.13 -14.45
N ILE A 78 5.32 -10.20 -14.01
CA ILE A 78 5.45 -9.65 -12.67
C ILE A 78 4.73 -10.54 -11.65
N LYS A 79 5.49 -11.03 -10.66
CA LYS A 79 4.97 -11.96 -9.68
C LYS A 79 4.75 -11.32 -8.32
N PRO A 80 3.50 -11.02 -7.97
CA PRO A 80 3.19 -10.30 -6.72
C PRO A 80 2.88 -11.23 -5.56
N VAL A 81 3.25 -10.78 -4.37
CA VAL A 81 2.76 -11.39 -3.15
C VAL A 81 2.02 -10.30 -2.43
N TYR A 82 0.81 -10.59 -1.99
CA TYR A 82 0.02 -9.59 -1.29
C TYR A 82 0.22 -9.66 0.21
N VAL A 83 0.43 -8.51 0.83
CA VAL A 83 0.65 -8.45 2.26
C VAL A 83 -0.51 -7.72 2.97
N PHE A 84 -1.09 -8.38 3.96
CA PHE A 84 -2.25 -7.84 4.70
C PHE A 84 -1.86 -7.28 6.07
N ASP A 85 -2.50 -6.18 6.44
CA ASP A 85 -2.27 -5.52 7.74
C ASP A 85 -2.67 -6.40 8.93
N GLY A 86 -1.97 -6.22 10.05
CA GLY A 86 -2.35 -6.86 11.30
C GLY A 86 -2.75 -5.81 12.32
N LYS A 87 -2.48 -6.09 13.60
CA LYS A 87 -2.79 -5.13 14.65
C LYS A 87 -1.89 -3.89 14.57
N PRO A 88 -2.52 -2.69 14.51
CA PRO A 88 -1.85 -1.39 14.49
C PRO A 88 -1.00 -1.18 15.73
N PRO A 89 0.14 -0.49 15.60
CA PRO A 89 0.95 -0.15 16.79
C PRO A 89 0.23 0.85 17.69
N GLN A 90 0.44 0.74 18.99
CA GLN A 90 -0.23 1.61 19.95
C GLN A 90 0.04 3.07 19.65
N LEU A 91 1.25 3.38 19.18
CA LEU A 91 1.61 4.76 18.84
C LEU A 91 0.64 5.34 17.81
N LYS A 92 -0.08 4.46 17.12
CA LYS A 92 -0.98 4.92 16.08
C LYS A 92 -2.36 5.34 16.65
N SER A 93 -2.59 5.07 17.93
CA SER A 93 -3.90 5.30 18.57
C SER A 93 -4.42 6.72 18.44
N GLY A 94 -3.56 7.71 18.64
CA GLY A 94 -3.94 9.09 18.46
C GLY A 94 -4.47 9.32 17.04
N GLU A 95 -3.66 8.97 16.05
CA GLU A 95 -4.03 9.14 14.65
C GLU A 95 -5.31 8.39 14.26
N LEU A 96 -5.54 7.24 14.88
CA LEU A 96 -6.73 6.45 14.60
C LEU A 96 -7.97 7.07 15.22
N ALA A 97 -7.84 7.60 16.43
CA ALA A 97 -8.93 8.35 17.04
C ALA A 97 -9.33 9.53 16.15
N LYS A 98 -8.34 10.21 15.57
CA LYS A 98 -8.61 11.29 14.63
C LYS A 98 -9.45 10.81 13.46
N ARG A 99 -9.09 9.65 12.91
CA ARG A 99 -9.81 9.10 11.77
C ARG A 99 -11.25 8.80 12.13
N SER A 100 -11.48 8.17 13.28
CA SER A 100 -12.84 7.80 13.67
C SER A 100 -13.67 9.06 13.93
N GLU A 101 -13.01 10.11 14.43
CA GLU A 101 -13.62 11.43 14.54
C GLU A 101 -14.14 11.94 13.18
N ARG A 102 -13.29 11.87 12.16
CA ARG A 102 -13.69 12.32 10.81
C ARG A 102 -14.77 11.41 10.22
N ARG A 103 -14.65 10.11 10.49
CA ARG A 103 -15.67 9.17 10.07
C ARG A 103 -17.03 9.54 10.72
N ALA A 104 -16.99 9.93 11.99
CA ALA A 104 -18.23 10.32 12.67
C ALA A 104 -18.83 11.54 12.00
N GLU A 105 -17.97 12.52 11.72
CA GLU A 105 -18.40 13.74 11.05
C GLU A 105 -18.98 13.41 9.67
N ALA A 106 -18.31 12.53 8.95
CA ALA A 106 -18.76 12.12 7.62
C ALA A 106 -20.10 11.38 7.65
N GLU A 107 -20.32 10.60 8.71
CA GLU A 107 -21.59 9.88 8.89
C GLU A 107 -22.74 10.86 9.02
N LYS A 108 -22.59 11.86 9.90
CA LYS A 108 -23.60 12.91 10.05
C LYS A 108 -23.92 13.50 8.68
N GLN A 109 -22.90 14.03 8.01
CA GLN A 109 -23.10 14.71 6.75
C GLN A 109 -23.79 13.83 5.72
N LEU A 110 -23.38 12.57 5.66
CA LEU A 110 -24.00 11.64 4.72
C LEU A 110 -25.51 11.68 4.91
N GLN A 111 -25.93 11.48 6.15
CA GLN A 111 -27.33 11.38 6.51
C GLN A 111 -28.13 12.57 5.98
N GLN A 112 -27.63 13.77 6.21
CA GLN A 112 -28.32 14.98 5.76
C GLN A 112 -28.40 15.05 4.24
N ALA A 113 -27.27 14.92 3.56
CA ALA A 113 -27.25 14.98 2.11
C ALA A 113 -28.26 14.00 1.52
N GLN A 114 -28.60 12.97 2.28
CA GLN A 114 -29.62 12.01 1.88
C GLN A 114 -30.99 12.64 1.95
N ALA A 115 -31.34 13.18 3.11
CA ALA A 115 -32.61 13.88 3.28
C ALA A 115 -32.84 14.88 2.14
N ALA A 116 -31.87 15.77 1.93
CA ALA A 116 -31.97 16.80 0.90
C ALA A 116 -31.66 16.26 -0.49
N GLY A 117 -31.94 14.98 -0.71
CA GLY A 117 -31.72 14.34 -2.00
C GLY A 117 -30.56 14.91 -2.81
N ALA A 118 -29.46 15.19 -2.13
CA ALA A 118 -28.27 15.74 -2.79
C ALA A 118 -27.41 14.62 -3.35
N GLU A 119 -28.01 13.83 -4.24
CA GLU A 119 -27.37 12.63 -4.80
C GLU A 119 -25.91 12.82 -5.20
N GLN A 120 -25.54 14.05 -5.53
CA GLN A 120 -24.18 14.33 -5.93
C GLN A 120 -23.28 14.50 -4.71
N GLU A 121 -23.83 15.07 -3.65
CA GLU A 121 -23.12 15.25 -2.39
C GLU A 121 -23.15 13.97 -1.57
N VAL A 122 -24.18 13.15 -1.79
CA VAL A 122 -24.26 11.83 -1.17
C VAL A 122 -23.12 10.94 -1.65
N GLU A 123 -22.78 11.04 -2.94
CA GLU A 123 -21.67 10.27 -3.48
C GLU A 123 -20.35 10.71 -2.84
N LYS A 124 -20.29 11.98 -2.43
CA LYS A 124 -19.10 12.49 -1.78
C LYS A 124 -18.85 11.81 -0.45
N PHE A 125 -19.85 11.81 0.42
CA PHE A 125 -19.69 11.27 1.77
C PHE A 125 -19.58 9.75 1.79
N THR A 126 -20.27 9.10 0.86
CA THR A 126 -20.18 7.66 0.72
C THR A 126 -18.73 7.26 0.47
N LYS A 127 -18.10 7.88 -0.53
CA LYS A 127 -16.67 7.63 -0.80
C LYS A 127 -15.82 7.85 0.45
N ARG A 128 -16.00 8.99 1.10
CA ARG A 128 -15.28 9.30 2.35
C ARG A 128 -15.49 8.24 3.43
N LEU A 129 -16.62 7.55 3.39
CA LEU A 129 -16.91 6.53 4.39
C LEU A 129 -16.41 5.16 3.97
N VAL A 130 -15.90 5.04 2.76
CA VAL A 130 -15.36 3.77 2.31
C VAL A 130 -14.41 3.23 3.37
N LYS A 131 -14.55 1.96 3.68
CA LYS A 131 -13.68 1.30 4.64
C LYS A 131 -13.40 -0.12 4.19
N VAL A 132 -12.12 -0.50 4.18
CA VAL A 132 -11.75 -1.89 3.95
C VAL A 132 -12.05 -2.68 5.22
N THR A 133 -12.88 -3.71 5.09
CA THR A 133 -13.27 -4.51 6.25
C THR A 133 -12.62 -5.89 6.26
N LYS A 134 -12.81 -6.60 7.36
CA LYS A 134 -12.25 -7.93 7.51
C LYS A 134 -12.83 -8.87 6.47
N GLN A 135 -14.09 -8.65 6.09
N GLN A 135 -14.08 -8.63 6.10
CA GLN A 135 -14.71 -9.49 5.06
CA GLN A 135 -14.75 -9.43 5.09
C GLN A 135 -14.11 -9.21 3.70
C GLN A 135 -14.07 -9.22 3.74
N HIS A 136 -13.74 -7.96 3.45
CA HIS A 136 -13.05 -7.63 2.21
C HIS A 136 -11.72 -8.38 2.14
N ASN A 137 -10.97 -8.35 3.24
CA ASN A 137 -9.68 -9.03 3.29
C ASN A 137 -9.80 -10.53 3.14
N ASP A 138 -10.77 -11.13 3.85
CA ASP A 138 -10.97 -12.58 3.82
C ASP A 138 -11.37 -13.06 2.43
N GLU A 139 -12.15 -12.25 1.72
CA GLU A 139 -12.63 -12.60 0.39
C GLU A 139 -11.50 -12.54 -0.63
N CYS A 140 -10.65 -11.51 -0.52
CA CYS A 140 -9.48 -11.41 -1.38
C CYS A 140 -8.48 -12.54 -1.13
N LYS A 141 -8.26 -12.87 0.14
CA LYS A 141 -7.36 -13.97 0.48
C LYS A 141 -7.87 -15.24 -0.16
N HIS A 142 -9.18 -15.45 -0.04
CA HIS A 142 -9.84 -16.61 -0.62
C HIS A 142 -9.61 -16.65 -2.12
N LEU A 143 -9.86 -15.52 -2.77
CA LEU A 143 -9.61 -15.39 -4.20
C LEU A 143 -8.15 -15.69 -4.59
N LEU A 144 -7.21 -15.12 -3.84
CA LEU A 144 -5.79 -15.30 -4.17
C LEU A 144 -5.35 -16.76 -4.08
N SER A 145 -5.79 -17.45 -3.03
CA SER A 145 -5.58 -18.89 -2.90
C SER A 145 -6.05 -19.60 -4.15
N LEU A 146 -7.28 -19.31 -4.57
CA LEU A 146 -7.83 -19.99 -5.74
C LEU A 146 -7.00 -19.65 -6.97
N MET A 147 -6.46 -18.43 -7.00
CA MET A 147 -5.66 -17.98 -8.13
C MET A 147 -4.22 -18.53 -8.09
N GLY A 148 -3.81 -19.05 -6.94
CA GLY A 148 -2.45 -19.58 -6.80
C GLY A 148 -1.41 -18.50 -6.50
N ILE A 149 -1.92 -17.33 -6.14
CA ILE A 149 -1.11 -16.16 -5.84
C ILE A 149 -0.89 -16.12 -4.32
N PRO A 150 0.38 -16.02 -3.90
CA PRO A 150 0.70 -16.07 -2.46
C PRO A 150 0.30 -14.77 -1.73
N TYR A 151 -0.05 -14.91 -0.46
CA TYR A 151 -0.26 -13.72 0.35
C TYR A 151 0.27 -13.99 1.76
N LEU A 152 0.46 -12.92 2.53
CA LEU A 152 1.01 -13.09 3.86
C LEU A 152 0.25 -12.16 4.77
N ASP A 153 0.12 -12.56 6.03
CA ASP A 153 -0.43 -11.69 7.07
C ASP A 153 0.70 -11.04 7.85
N ALA A 154 0.75 -9.72 7.84
CA ALA A 154 1.73 -9.00 8.66
C ALA A 154 1.27 -9.00 10.11
N PRO A 155 2.21 -9.00 11.06
CA PRO A 155 1.86 -8.95 12.49
C PRO A 155 1.32 -7.58 12.86
N SER A 156 1.86 -6.54 12.21
CA SER A 156 1.45 -5.18 12.48
C SER A 156 1.24 -4.45 11.15
N GLU A 157 2.02 -3.41 10.90
CA GLU A 157 1.89 -2.67 9.66
C GLU A 157 2.38 -3.49 8.46
N ALA A 158 1.55 -3.57 7.42
CA ALA A 158 1.88 -4.36 6.24
C ALA A 158 3.06 -3.73 5.50
N GLU A 159 3.15 -2.42 5.51
CA GLU A 159 4.20 -1.80 4.72
C GLU A 159 5.56 -2.04 5.35
N ALA A 160 5.59 -2.26 6.66
CA ALA A 160 6.84 -2.60 7.35
C ALA A 160 7.29 -4.01 6.98
N SER A 161 6.33 -4.89 6.78
CA SER A 161 6.66 -6.27 6.42
C SER A 161 7.08 -6.35 4.95
N CYS A 162 6.49 -5.49 4.12
CA CYS A 162 6.89 -5.37 2.73
C CYS A 162 8.35 -4.91 2.67
N ALA A 163 8.65 -3.85 3.41
CA ALA A 163 10.01 -3.38 3.54
C ALA A 163 10.96 -4.51 3.92
N ALA A 164 10.56 -5.29 4.92
CA ALA A 164 11.37 -6.38 5.45
C ALA A 164 11.61 -7.48 4.39
N LEU A 165 10.59 -7.73 3.58
CA LEU A 165 10.70 -8.69 2.50
C LEU A 165 11.70 -8.20 1.45
N VAL A 166 11.74 -6.89 1.21
CA VAL A 166 12.68 -6.36 0.24
C VAL A 166 14.09 -6.41 0.78
N LYS A 167 14.27 -6.04 2.05
CA LYS A 167 15.60 -6.03 2.64
C LYS A 167 16.17 -7.43 2.64
N ALA A 168 15.29 -8.42 2.79
CA ALA A 168 15.72 -9.81 2.84
C ALA A 168 15.97 -10.42 1.45
N GLY A 169 15.72 -9.64 0.41
CA GLY A 169 15.84 -10.14 -0.94
C GLY A 169 14.78 -11.13 -1.37
N LYS A 170 13.64 -11.16 -0.69
CA LYS A 170 12.57 -12.08 -1.05
C LYS A 170 11.68 -11.51 -2.17
N VAL A 171 11.74 -10.20 -2.38
CA VAL A 171 11.07 -9.57 -3.51
C VAL A 171 11.99 -8.43 -3.94
N TYR A 172 11.75 -7.89 -5.12
CA TYR A 172 12.57 -6.78 -5.61
C TYR A 172 12.19 -5.43 -4.98
N ALA A 173 10.90 -5.22 -4.72
CA ALA A 173 10.40 -3.92 -4.27
C ALA A 173 9.04 -4.02 -3.60
N ALA A 174 8.72 -3.04 -2.79
CA ALA A 174 7.40 -2.90 -2.22
C ALA A 174 6.59 -2.03 -3.17
N ALA A 175 5.53 -2.58 -3.75
CA ALA A 175 4.65 -1.76 -4.60
C ALA A 175 3.55 -1.14 -3.74
N THR A 176 3.64 0.16 -3.54
CA THR A 176 2.65 0.90 -2.77
C THR A 176 2.77 2.38 -3.10
N GLU A 177 1.73 3.16 -2.80
CA GLU A 177 1.75 4.60 -3.03
C GLU A 177 2.17 5.34 -1.77
N ASP A 178 2.20 4.60 -0.66
CA ASP A 178 2.47 5.19 0.65
C ASP A 178 3.97 5.24 0.98
N MET A 179 4.51 6.45 1.02
CA MET A 179 5.93 6.66 1.13
C MET A 179 6.50 6.25 2.48
N ASP A 180 5.64 6.01 3.47
CA ASP A 180 6.20 5.66 4.77
C ASP A 180 6.86 4.27 4.72
N CYS A 181 6.71 3.61 3.57
CA CYS A 181 7.35 2.32 3.38
C CYS A 181 8.86 2.51 3.31
N LEU A 182 9.30 3.62 2.73
CA LEU A 182 10.71 3.97 2.66
C LEU A 182 11.19 4.34 4.04
N THR A 183 10.37 5.07 4.77
CA THR A 183 10.69 5.42 6.14
C THR A 183 10.90 4.14 6.96
N PHE A 184 10.17 3.07 6.63
CA PHE A 184 10.38 1.78 7.30
C PHE A 184 11.60 1.02 6.75
N GLY A 185 12.29 1.61 5.79
CA GLY A 185 13.59 1.10 5.37
C GLY A 185 13.64 0.31 4.08
N SER A 186 12.52 0.26 3.34
CA SER A 186 12.47 -0.49 2.09
C SER A 186 13.50 0.03 1.10
N PRO A 187 14.42 -0.84 0.64
CA PRO A 187 15.43 -0.41 -0.33
C PRO A 187 14.79 0.14 -1.60
N VAL A 188 13.65 -0.40 -1.98
CA VAL A 188 12.99 0.02 -3.22
C VAL A 188 11.48 0.15 -3.06
N LEU A 189 10.94 1.24 -3.56
CA LEU A 189 9.51 1.44 -3.57
C LEU A 189 9.09 1.64 -5.02
N MET A 190 8.04 0.94 -5.44
CA MET A 190 7.52 1.16 -6.79
C MET A 190 6.10 1.69 -6.74
N ARG A 191 5.85 2.79 -7.45
CA ARG A 191 4.48 3.31 -7.58
C ARG A 191 3.93 3.10 -8.98
N HIS A 192 2.60 3.13 -9.08
CA HIS A 192 1.92 3.09 -10.37
C HIS A 192 2.14 1.76 -11.03
N LEU A 193 2.26 0.70 -10.23
CA LEU A 193 2.37 -0.62 -10.82
C LEU A 193 0.99 -1.25 -10.87
N THR A 194 0.33 -1.10 -12.01
CA THR A 194 -0.99 -1.65 -12.21
C THR A 194 -0.97 -2.53 -13.45
N ALA A 195 0.01 -2.29 -14.32
CA ALA A 195 0.10 -2.96 -15.62
C ALA A 195 -1.16 -2.75 -16.45
N SER A 196 -1.71 -1.55 -16.37
CA SER A 196 -2.88 -1.14 -17.15
C SER A 196 -2.74 -1.41 -18.64
N GLU A 197 -3.83 -1.89 -19.26
CA GLU A 197 -3.90 -1.98 -20.71
C GLU A 197 -3.81 -0.58 -21.31
N ALA A 198 -4.24 0.42 -20.56
CA ALA A 198 -4.21 1.79 -21.03
C ALA A 198 -3.39 2.69 -20.11
N LYS A 199 -2.18 2.25 -19.79
CA LYS A 199 -1.28 3.00 -18.93
C LYS A 199 -1.46 4.52 -19.03
N LYS A 200 -1.57 5.15 -17.87
CA LYS A 200 -1.74 6.60 -17.78
C LYS A 200 -0.48 7.23 -17.18
N LEU A 201 0.13 6.51 -16.24
CA LEU A 201 1.34 6.96 -15.56
C LEU A 201 2.46 5.94 -15.71
N PRO A 202 3.71 6.42 -15.72
CA PRO A 202 4.86 5.51 -15.86
C PRO A 202 5.25 4.86 -14.54
N ILE A 203 5.71 3.62 -14.60
CA ILE A 203 6.23 2.87 -13.45
C ILE A 203 7.44 3.57 -12.82
N GLN A 204 7.31 3.94 -11.55
CA GLN A 204 8.37 4.66 -10.86
C GLN A 204 9.00 3.82 -9.75
N GLU A 205 10.32 3.85 -9.68
CA GLU A 205 11.05 3.23 -8.58
C GLU A 205 11.73 4.30 -7.73
N PHE A 206 11.56 4.22 -6.42
CA PHE A 206 12.27 5.09 -5.48
C PHE A 206 13.29 4.23 -4.80
N HIS A 207 14.56 4.59 -4.95
CA HIS A 207 15.65 3.85 -4.35
C HIS A 207 16.12 4.56 -3.11
N LEU A 208 15.89 3.91 -1.97
CA LEU A 208 16.30 4.50 -0.72
C LEU A 208 17.75 4.95 -0.77
N SER A 209 18.63 4.13 -1.36
CA SER A 209 20.08 4.48 -1.35
C SER A 209 20.34 5.81 -2.04
N ARG A 210 19.69 6.05 -3.18
CA ARG A 210 19.77 7.33 -3.85
C ARG A 210 19.20 8.47 -3.00
N ILE A 211 18.10 8.21 -2.31
CA ILE A 211 17.52 9.21 -1.43
C ILE A 211 18.52 9.65 -0.35
N LEU A 212 19.07 8.69 0.39
CA LEU A 212 20.01 9.01 1.45
C LEU A 212 21.24 9.75 0.94
N GLN A 213 21.67 9.43 -0.28
CA GLN A 213 22.85 10.04 -0.89
C GLN A 213 22.60 11.50 -1.22
N GLU A 214 21.52 11.77 -1.95
CA GLU A 214 21.18 13.13 -2.33
C GLU A 214 21.00 14.07 -1.14
N LEU A 215 20.28 13.62 -0.11
CA LEU A 215 20.06 14.42 1.09
C LEU A 215 21.28 14.41 2.03
N GLY A 216 22.20 13.47 1.82
CA GLY A 216 23.34 13.32 2.70
C GLY A 216 22.98 12.84 4.10
N LEU A 217 22.04 11.92 4.21
CA LEU A 217 21.64 11.42 5.52
C LEU A 217 21.87 9.92 5.66
N ASN A 218 21.97 9.44 6.89
CA ASN A 218 21.86 8.01 7.13
C ASN A 218 20.39 7.69 7.47
N GLN A 219 20.06 6.42 7.71
CA GLN A 219 18.67 6.02 7.87
C GLN A 219 18.02 6.59 9.13
N GLU A 220 18.78 6.67 10.22
CA GLU A 220 18.28 7.25 11.46
C GLU A 220 17.86 8.69 11.26
N GLN A 221 18.65 9.40 10.47
CA GLN A 221 18.40 10.82 10.26
C GLN A 221 17.26 11.00 9.29
N PHE A 222 17.12 10.06 8.37
CA PHE A 222 16.05 10.10 7.40
C PHE A 222 14.72 9.87 8.13
N VAL A 223 14.70 8.90 9.03
CA VAL A 223 13.51 8.64 9.84
C VAL A 223 13.16 9.87 10.70
N ASP A 224 14.16 10.46 11.34
CA ASP A 224 13.95 11.72 12.05
C ASP A 224 13.39 12.83 11.14
N LEU A 225 13.90 12.92 9.92
CA LEU A 225 13.36 13.87 8.96
C LEU A 225 11.88 13.62 8.69
N CYS A 226 11.51 12.36 8.47
CA CYS A 226 10.13 12.03 8.17
C CYS A 226 9.23 12.34 9.35
N ILE A 227 9.74 12.11 10.55
CA ILE A 227 9.02 12.42 11.77
C ILE A 227 8.73 13.90 11.84
N LEU A 228 9.67 14.72 11.36
CA LEU A 228 9.52 16.17 11.35
C LEU A 228 8.58 16.62 10.24
N LEU A 229 8.53 15.87 9.15
CA LEU A 229 7.57 16.14 8.10
C LEU A 229 6.15 15.83 8.57
N GLY A 230 6.01 14.79 9.38
CA GLY A 230 4.71 14.43 9.90
C GLY A 230 4.30 13.01 9.55
N SER A 231 4.22 12.16 10.57
CA SER A 231 3.86 10.77 10.39
C SER A 231 2.60 10.43 11.19
N ASP A 232 2.15 9.19 11.07
CA ASP A 232 0.95 8.71 11.77
C ASP A 232 1.19 8.47 13.26
N TYR A 233 2.43 8.58 13.71
CA TYR A 233 2.78 8.01 15.00
C TYR A 233 3.16 8.99 16.11
N CYS A 234 3.25 10.26 15.76
CA CYS A 234 3.56 11.28 16.76
C CYS A 234 3.43 12.65 16.13
N GLU A 235 3.51 13.68 16.97
CA GLU A 235 3.38 15.05 16.51
C GLU A 235 4.66 15.55 15.84
N SER A 236 4.54 16.60 15.06
CA SER A 236 5.72 17.30 14.55
C SER A 236 5.80 18.65 15.23
N ILE A 237 6.77 19.47 14.81
CA ILE A 237 6.95 20.77 15.42
C ILE A 237 6.28 21.82 14.56
N ARG A 238 5.35 22.57 15.18
CA ARG A 238 4.63 23.63 14.49
C ARG A 238 5.58 24.69 13.95
N GLY A 239 5.39 25.08 12.70
CA GLY A 239 6.25 26.06 12.07
C GLY A 239 7.44 25.45 11.38
N ILE A 240 7.70 24.16 11.63
CA ILE A 240 8.79 23.45 10.98
C ILE A 240 8.26 22.57 9.86
N GLY A 241 8.47 23.01 8.61
CA GLY A 241 7.98 22.28 7.46
C GLY A 241 9.08 21.55 6.71
N PRO A 242 8.82 21.19 5.43
CA PRO A 242 9.82 20.44 4.66
C PRO A 242 11.14 21.20 4.52
N LYS A 243 11.07 22.51 4.32
CA LYS A 243 12.28 23.27 4.03
C LYS A 243 13.17 23.39 5.24
N ARG A 244 12.56 23.59 6.40
CA ARG A 244 13.29 23.81 7.63
C ARG A 244 13.71 22.48 8.25
N ALA A 245 12.84 21.47 8.18
CA ALA A 245 13.19 20.13 8.66
C ALA A 245 14.47 19.65 7.98
N VAL A 246 14.51 19.76 6.66
CA VAL A 246 15.71 19.37 5.92
C VAL A 246 16.95 20.12 6.40
N ASP A 247 16.84 21.44 6.57
CA ASP A 247 17.95 22.25 7.03
C ASP A 247 18.42 21.79 8.41
N LEU A 248 17.47 21.58 9.30
CA LEU A 248 17.76 21.30 10.69
C LEU A 248 18.35 19.91 10.86
N ILE A 249 17.80 18.95 10.13
CA ILE A 249 18.31 17.58 10.19
C ILE A 249 19.73 17.52 9.64
N GLN A 250 19.94 18.17 8.51
CA GLN A 250 21.28 18.24 7.93
C GLN A 250 22.27 18.93 8.87
N LYS A 251 21.83 20.00 9.52
CA LYS A 251 22.71 20.73 10.43
C LYS A 251 22.93 20.02 11.78
N HIS A 252 21.85 19.56 12.39
CA HIS A 252 21.92 19.04 13.76
C HIS A 252 21.93 17.51 13.85
N LYS A 253 21.52 16.85 12.78
CA LYS A 253 21.54 15.38 12.67
C LYS A 253 20.39 14.63 13.38
N SER A 254 20.06 15.03 14.60
CA SER A 254 19.04 14.32 15.36
C SER A 254 17.99 15.28 15.90
N ILE A 255 16.82 14.75 16.21
CA ILE A 255 15.77 15.56 16.82
C ILE A 255 16.17 16.03 18.23
N GLU A 256 16.74 15.14 19.02
CA GLU A 256 17.24 15.51 20.35
C GLU A 256 18.14 16.75 20.28
N GLU A 257 19.10 16.74 19.35
CA GLU A 257 19.96 17.91 19.16
C GLU A 257 19.17 19.11 18.63
N ILE A 258 18.17 18.85 17.81
CA ILE A 258 17.35 19.93 17.25
C ILE A 258 16.56 20.61 18.35
N VAL A 259 16.19 19.84 19.38
CA VAL A 259 15.47 20.37 20.53
C VAL A 259 16.41 21.25 21.37
N ARG A 260 17.59 20.73 21.69
CA ARG A 260 18.59 21.47 22.43
C ARG A 260 18.98 22.81 21.79
N ARG A 261 18.68 23.00 20.51
CA ARG A 261 19.13 24.21 19.81
C ARG A 261 17.99 25.16 19.42
N LEU A 262 16.79 24.65 19.27
CA LEU A 262 15.65 25.49 18.92
C LEU A 262 15.36 26.51 20.00
N ASP A 263 14.92 27.69 19.58
CA ASP A 263 14.44 28.70 20.50
C ASP A 263 13.05 28.30 20.98
N PRO A 264 12.93 27.94 22.27
CA PRO A 264 11.66 27.48 22.84
C PRO A 264 10.56 28.54 22.79
N ASN A 265 10.92 29.81 22.58
CA ASN A 265 9.91 30.86 22.43
C ASN A 265 9.33 30.85 21.04
N LYS A 266 10.21 30.67 20.06
CA LYS A 266 9.83 30.70 18.66
C LYS A 266 9.29 29.34 18.22
N TYR A 267 10.04 28.28 18.57
CA TYR A 267 9.67 26.93 18.16
C TYR A 267 9.56 25.94 19.33
N PRO A 268 8.48 26.06 20.11
CA PRO A 268 8.23 25.13 21.20
C PRO A 268 7.92 23.74 20.63
N VAL A 269 8.43 22.70 21.28
CA VAL A 269 8.16 21.33 20.85
C VAL A 269 6.84 20.83 21.42
N PRO A 270 6.23 19.83 20.77
CA PRO A 270 5.01 19.21 21.28
C PRO A 270 5.18 18.79 22.73
N GLU A 271 4.10 18.85 23.51
CA GLU A 271 4.15 18.41 24.90
C GLU A 271 4.26 16.90 24.98
N ASN A 272 5.17 16.41 25.81
CA ASN A 272 5.39 14.97 25.95
C ASN A 272 5.56 14.31 24.60
N TRP A 273 6.41 14.92 23.78
CA TRP A 273 6.66 14.47 22.42
C TRP A 273 7.14 13.02 22.42
N LEU A 274 6.49 12.19 21.61
CA LEU A 274 6.85 10.78 21.52
C LEU A 274 7.76 10.45 20.32
N HIS A 275 8.58 11.41 19.91
CA HIS A 275 9.39 11.23 18.71
C HIS A 275 10.33 10.05 18.86
N LYS A 276 10.89 9.90 20.06
CA LYS A 276 11.84 8.83 20.34
C LYS A 276 11.21 7.45 20.13
N GLU A 277 9.94 7.34 20.51
CA GLU A 277 9.19 6.10 20.39
C GLU A 277 8.86 5.78 18.93
N ALA A 278 8.53 6.80 18.15
CA ALA A 278 8.16 6.62 16.76
C ALA A 278 9.41 6.29 15.92
N HIS A 279 10.50 6.99 16.23
CA HIS A 279 11.83 6.70 15.69
C HIS A 279 12.13 5.20 15.84
N GLN A 280 11.93 4.69 17.06
CA GLN A 280 12.11 3.28 17.37
C GLN A 280 11.19 2.38 16.52
N LEU A 281 9.95 2.81 16.34
CA LEU A 281 8.98 2.08 15.53
C LEU A 281 9.43 1.93 14.08
N PHE A 282 9.83 3.03 13.47
CA PHE A 282 10.22 3.01 12.06
C PHE A 282 11.46 2.16 11.82
N LEU A 283 12.42 2.21 12.75
CA LEU A 283 13.69 1.50 12.58
C LEU A 283 13.58 0.03 12.94
N GLU A 284 12.79 -0.26 13.98
CA GLU A 284 12.66 -1.61 14.49
C GLU A 284 11.18 -2.03 14.62
N PRO A 285 10.43 -1.96 13.50
CA PRO A 285 9.01 -2.33 13.55
C PRO A 285 8.84 -3.81 13.73
N GLU A 286 7.67 -4.22 14.18
CA GLU A 286 7.30 -5.62 14.24
C GLU A 286 6.94 -6.06 12.82
N VAL A 287 7.61 -7.08 12.31
CA VAL A 287 7.39 -7.52 10.94
C VAL A 287 7.40 -9.02 10.93
N LEU A 288 6.77 -9.63 9.92
CA LEU A 288 6.86 -11.08 9.77
C LEU A 288 8.32 -11.50 9.54
N ASP A 289 8.61 -12.78 9.78
CA ASP A 289 9.94 -13.33 9.49
C ASP A 289 10.03 -13.74 8.03
N PRO A 290 10.80 -12.99 7.23
CA PRO A 290 10.89 -13.24 5.78
C PRO A 290 11.58 -14.56 5.40
N GLU A 291 12.24 -15.22 6.35
CA GLU A 291 12.77 -16.56 6.11
C GLU A 291 11.75 -17.67 6.33
N SER A 292 10.56 -17.33 6.81
CA SER A 292 9.58 -18.33 7.25
C SER A 292 8.76 -19.00 6.14
N VAL A 293 8.01 -18.22 5.37
CA VAL A 293 7.23 -18.78 4.27
C VAL A 293 8.04 -18.70 2.97
N GLU A 294 7.97 -19.73 2.14
CA GLU A 294 8.57 -19.64 0.83
C GLU A 294 7.51 -19.24 -0.19
N LEU A 295 7.75 -18.13 -0.88
CA LEU A 295 6.79 -17.66 -1.84
C LEU A 295 6.74 -18.59 -3.05
N LYS A 296 5.54 -18.99 -3.43
CA LYS A 296 5.37 -19.70 -4.69
C LYS A 296 4.11 -19.26 -5.41
N TRP A 297 4.21 -19.28 -6.74
CA TRP A 297 3.10 -18.94 -7.61
C TRP A 297 2.60 -20.23 -8.26
N SER A 298 1.38 -20.64 -7.86
CA SER A 298 0.87 -21.98 -8.15
C SER A 298 -0.19 -22.01 -9.25
N GLU A 299 -0.51 -23.21 -9.71
CA GLU A 299 -1.50 -23.36 -10.76
C GLU A 299 -2.86 -22.93 -10.24
N PRO A 300 -3.54 -22.04 -10.97
CA PRO A 300 -4.89 -21.55 -10.65
C PRO A 300 -5.90 -22.68 -10.68
N ASN A 301 -6.78 -22.75 -9.68
CA ASN A 301 -7.84 -23.75 -9.69
C ASN A 301 -9.02 -23.22 -10.48
N GLU A 302 -9.09 -23.59 -11.76
CA GLU A 302 -10.08 -23.00 -12.65
C GLU A 302 -11.53 -23.27 -12.23
N GLU A 303 -11.86 -24.53 -11.97
CA GLU A 303 -13.26 -24.88 -11.66
C GLU A 303 -13.76 -24.22 -10.38
N GLU A 304 -12.92 -24.14 -9.36
N GLU A 304 -12.92 -24.19 -9.35
CA GLU A 304 -13.33 -23.48 -8.12
CA GLU A 304 -13.34 -23.60 -8.08
C GLU A 304 -13.43 -21.96 -8.33
C GLU A 304 -13.43 -22.08 -8.19
N LEU A 305 -12.52 -21.41 -9.12
N LEU A 305 -12.60 -21.50 -9.06
CA LEU A 305 -12.56 -19.98 -9.43
CA LEU A 305 -12.66 -20.07 -9.29
C LEU A 305 -13.84 -19.60 -10.15
C LEU A 305 -13.97 -19.72 -9.99
N ILE A 306 -14.33 -20.49 -11.02
CA ILE A 306 -15.60 -20.26 -11.73
C ILE A 306 -16.80 -20.35 -10.77
N LYS A 307 -16.83 -21.38 -9.93
CA LYS A 307 -17.88 -21.50 -8.92
C LYS A 307 -17.94 -20.29 -8.00
N PHE A 308 -16.78 -19.82 -7.56
CA PHE A 308 -16.74 -18.67 -6.66
C PHE A 308 -17.08 -17.36 -7.37
N MET A 309 -16.34 -17.04 -8.42
CA MET A 309 -16.47 -15.75 -9.08
C MET A 309 -17.75 -15.65 -9.90
N CYS A 310 -18.11 -16.75 -10.57
CA CYS A 310 -19.31 -16.79 -11.42
C CYS A 310 -20.54 -17.24 -10.66
N GLY A 311 -20.54 -18.50 -10.21
CA GLY A 311 -21.68 -19.07 -9.50
C GLY A 311 -22.13 -18.24 -8.30
N GLU A 312 -21.18 -17.77 -7.49
CA GLU A 312 -21.51 -17.04 -6.27
C GLU A 312 -21.47 -15.52 -6.44
N LYS A 313 -20.46 -15.00 -7.13
CA LYS A 313 -20.28 -13.55 -7.22
C LYS A 313 -20.80 -12.97 -8.54
N GLN A 314 -21.22 -13.84 -9.44
CA GLN A 314 -21.96 -13.43 -10.63
C GLN A 314 -21.15 -12.67 -11.67
N PHE A 315 -19.83 -12.86 -11.67
CA PHE A 315 -19.01 -12.44 -12.81
C PHE A 315 -19.36 -13.24 -14.04
N SER A 316 -19.22 -12.62 -15.20
CA SER A 316 -19.43 -13.29 -16.47
C SER A 316 -18.51 -14.50 -16.57
N GLU A 317 -19.07 -15.65 -16.90
CA GLU A 317 -18.29 -16.88 -16.97
C GLU A 317 -17.21 -16.84 -18.06
N GLU A 318 -17.52 -16.17 -19.16
CA GLU A 318 -16.60 -16.10 -20.28
C GLU A 318 -15.35 -15.29 -19.92
N ARG A 319 -15.55 -14.15 -19.26
CA ARG A 319 -14.44 -13.31 -18.82
C ARG A 319 -13.57 -14.02 -17.78
N ILE A 320 -14.19 -14.63 -16.78
CA ILE A 320 -13.44 -15.32 -15.73
C ILE A 320 -12.62 -16.48 -16.31
N ARG A 321 -13.28 -17.34 -17.06
N ARG A 321 -13.28 -17.32 -17.07
CA ARG A 321 -12.60 -18.48 -17.67
CA ARG A 321 -12.65 -18.47 -17.68
C ARG A 321 -11.49 -18.01 -18.59
C ARG A 321 -11.50 -18.00 -18.58
N SER A 322 -11.71 -16.89 -19.27
CA SER A 322 -10.70 -16.33 -20.14
C SER A 322 -9.54 -15.79 -19.30
N GLY A 323 -9.88 -15.15 -18.19
CA GLY A 323 -8.90 -14.64 -17.27
C GLY A 323 -8.02 -15.74 -16.70
N VAL A 324 -8.65 -16.82 -16.24
CA VAL A 324 -7.91 -17.95 -15.70
C VAL A 324 -6.98 -18.60 -16.71
N LYS A 325 -7.42 -18.71 -17.96
CA LYS A 325 -6.58 -19.32 -18.99
C LYS A 325 -5.34 -18.46 -19.22
N ARG A 326 -5.53 -17.15 -19.24
CA ARG A 326 -4.42 -16.22 -19.45
C ARG A 326 -3.44 -16.30 -18.29
N LEU A 327 -3.99 -16.41 -17.08
CA LEU A 327 -3.17 -16.45 -15.88
C LEU A 327 -2.35 -17.73 -15.88
N SER A 328 -3.00 -18.81 -16.28
CA SER A 328 -2.34 -20.10 -16.25
C SER A 328 -1.20 -20.16 -17.26
N LYS A 329 -1.45 -19.64 -18.46
CA LYS A 329 -0.43 -19.63 -19.50
C LYS A 329 0.70 -18.67 -19.16
N SER A 330 0.37 -17.57 -18.48
CA SER A 330 1.38 -16.57 -18.20
C SER A 330 2.31 -17.05 -17.07
N ARG A 331 1.76 -17.74 -16.08
CA ARG A 331 2.56 -18.41 -15.06
C ARG A 331 3.51 -19.43 -15.71
N GLN A 332 2.98 -20.23 -16.64
CA GLN A 332 3.77 -21.20 -17.37
C GLN A 332 4.98 -20.52 -18.01
N GLY A 333 4.82 -19.28 -18.42
CA GLY A 333 5.86 -18.59 -19.14
C GLY A 333 6.96 -18.02 -18.27
N SER A 334 6.61 -17.71 -17.02
CA SER A 334 7.46 -16.95 -16.12
C SER A 334 7.92 -17.76 -14.91
N THR A 335 7.46 -18.99 -14.81
CA THR A 335 7.63 -19.72 -13.56
C THR A 335 8.12 -21.15 -13.84
N LEU A 336 9.11 -21.58 -13.09
CA LEU A 336 9.64 -22.94 -13.21
C LEU A 336 8.90 -23.89 -12.27
N GLU A 337 8.47 -25.04 -12.78
CA GLU A 337 7.92 -26.08 -11.95
C GLU A 337 8.96 -26.48 -10.91
N VAL A 338 8.49 -26.95 -9.76
CA VAL A 338 9.37 -27.34 -8.68
C VAL A 338 10.19 -28.54 -9.10
N LEU A 339 11.44 -28.59 -8.63
CA LEU A 339 12.34 -29.71 -8.92
C LEU A 339 12.82 -30.31 -7.62
N PHE A 340 12.90 -31.64 -7.57
CA PHE A 340 13.43 -32.31 -6.39
C PHE A 340 14.82 -32.91 -6.69
N GLN A 341 15.70 -32.92 -5.68
CA GLN A 341 17.04 -33.49 -5.84
C GLN A 341 17.32 -34.51 -4.74
SM SM E . -0.87 -0.01 6.65
SM SM F . 1.53 3.93 6.20
SM SM G . -25.28 -16.89 -3.30
SM SM H . -23.14 -14.88 -0.43
K K I . 4.23 20.94 11.09
S SO4 J . -2.83 3.24 6.65
O1 SO4 J . -3.36 4.02 5.52
O2 SO4 J . -2.16 2.07 6.11
O3 SO4 J . -1.90 4.08 7.41
O4 SO4 J . -3.89 2.79 7.54
S SO4 K . -8.00 -4.32 -25.02
O1 SO4 K . -7.41 -4.19 -26.36
O2 SO4 K . -6.96 -4.39 -24.01
O3 SO4 K . -8.83 -3.16 -24.75
O4 SO4 K . -8.79 -5.54 -25.00
#